data_3T50
#
_entry.id   3T50
#
_cell.length_a   37.900
_cell.length_b   61.600
_cell.length_c   98.600
_cell.angle_alpha   90.00
_cell.angle_beta   90.00
_cell.angle_gamma   90.00
#
_symmetry.space_group_name_H-M   'P 21 21 21'
#
loop_
_entity.id
_entity.type
_entity.pdbx_description
1 polymer 'Blue-light-activated histidine kinase'
2 non-polymer 'FLAVIN MONONUCLEOTIDE'
3 water water
#
_entity_poly.entity_id   1
_entity_poly.type   'polypeptide(L)'
_entity_poly.pdbx_seq_one_letter_code
;MASEFTLMPMLITNPHLPDNPIVFANPAFLKLTGYEADEVMGRNCRFLQGHGTDPAHVRAIKSAIAAEKPIDIDIINYKK
SGEAFWNRLHISPVHNANGRLQHFVSSQLDVTLELVPRGSLEHHHHHH
;
_entity_poly.pdbx_strand_id   A,B
#
# COMPACT_ATOMS: atom_id res chain seq x y z
N ALA A 2 0.18 -4.56 -18.38
CA ALA A 2 -0.34 -3.37 -17.66
C ALA A 2 -0.86 -3.78 -16.27
N SER A 3 -1.03 -2.79 -15.38
CA SER A 3 -1.34 -3.07 -13.98
C SER A 3 -2.65 -3.80 -13.74
N GLU A 4 -2.64 -4.69 -12.76
CA GLU A 4 -3.86 -5.30 -12.26
C GLU A 4 -3.74 -5.35 -10.74
N PHE A 5 -4.86 -5.18 -10.10
CA PHE A 5 -4.95 -5.12 -8.67
C PHE A 5 -6.06 -6.01 -8.23
N THR A 6 -6.07 -6.28 -6.92
CA THR A 6 -7.21 -6.94 -6.32
C THR A 6 -8.51 -6.22 -6.75
N LEU A 7 -9.55 -7.02 -7.01
CA LEU A 7 -10.87 -6.48 -7.32
C LEU A 7 -11.65 -5.98 -6.11
N MET A 8 -11.15 -6.29 -4.90
CA MET A 8 -11.67 -5.72 -3.68
C MET A 8 -11.15 -4.28 -3.53
N PRO A 9 -12.06 -3.32 -3.27
CA PRO A 9 -11.54 -1.94 -2.96
C PRO A 9 -10.45 -1.97 -1.90
N MET A 10 -9.39 -1.18 -2.10
CA MET A 10 -8.24 -1.19 -1.17
C MET A 10 -7.66 0.20 -1.11
N LEU A 11 -7.29 0.64 0.10
CA LEU A 11 -6.49 1.88 0.25
C LEU A 11 -5.25 1.56 1.00
N ILE A 12 -4.20 2.32 0.73
CA ILE A 12 -3.04 2.33 1.67
C ILE A 12 -2.83 3.79 2.06
N THR A 13 -2.60 3.99 3.35
CA THR A 13 -2.26 5.32 3.86
C THR A 13 -0.87 5.34 4.48
N ASN A 14 -0.31 6.53 4.54
CA ASN A 14 1.05 6.71 5.07
C ASN A 14 1.00 7.48 6.40
N PRO A 15 1.11 6.77 7.52
CA PRO A 15 1.01 7.47 8.81
C PRO A 15 2.25 8.32 9.15
N HIS A 16 3.29 8.23 8.32
CA HIS A 16 4.46 9.10 8.52
C HIS A 16 4.24 10.50 7.97
N LEU A 17 3.14 10.68 7.24
CA LEU A 17 2.78 12.01 6.78
C LEU A 17 1.64 12.60 7.60
N PRO A 18 1.62 13.93 7.76
CA PRO A 18 0.60 14.58 8.58
C PRO A 18 -0.83 14.22 8.11
N ASP A 19 -1.65 13.74 9.04
CA ASP A 19 -3.06 13.37 8.80
C ASP A 19 -3.21 12.07 8.02
N ASN A 20 -2.17 11.24 8.04
CA ASN A 20 -2.30 9.83 7.55
C ASN A 20 -3.00 9.74 6.18
N PRO A 21 -2.44 10.43 5.18
CA PRO A 21 -3.16 10.54 3.91
C PRO A 21 -3.14 9.27 3.10
N ILE A 22 -4.18 9.11 2.29
CA ILE A 22 -4.15 8.03 1.29
C ILE A 22 -2.96 8.21 0.34
N VAL A 23 -2.19 7.15 0.15
CA VAL A 23 -1.11 7.15 -0.84
C VAL A 23 -1.34 6.18 -1.99
N PHE A 24 -2.35 5.33 -1.85
CA PHE A 24 -2.73 4.47 -2.95
C PHE A 24 -4.20 4.11 -2.80
N ALA A 25 -4.94 4.25 -3.90
CA ALA A 25 -6.32 3.77 -3.96
C ALA A 25 -6.43 2.92 -5.22
N ASN A 26 -6.94 1.69 -5.11
CA ASN A 26 -7.03 0.91 -6.34
C ASN A 26 -8.24 1.26 -7.20
N PRO A 27 -8.24 0.85 -8.48
CA PRO A 27 -9.36 1.17 -9.30
C PRO A 27 -10.68 0.69 -8.73
N ALA A 28 -10.67 -0.44 -8.02
CA ALA A 28 -11.90 -0.93 -7.41
C ALA A 28 -12.49 0.08 -6.41
N PHE A 29 -11.62 0.70 -5.59
CA PHE A 29 -12.09 1.72 -4.65
C PHE A 29 -12.64 2.93 -5.41
N LEU A 30 -11.99 3.26 -6.51
CA LEU A 30 -12.40 4.47 -7.25
C LEU A 30 -13.73 4.20 -7.93
N LYS A 31 -13.92 2.99 -8.43
CA LYS A 31 -15.25 2.58 -8.94
C LYS A 31 -16.33 2.59 -7.87
N LEU A 32 -16.01 2.09 -6.68
CA LEU A 32 -16.96 2.05 -5.57
C LEU A 32 -17.46 3.46 -5.22
N THR A 33 -16.53 4.43 -5.16
CA THR A 33 -16.84 5.69 -4.51
C THR A 33 -17.12 6.78 -5.54
N GLY A 34 -16.80 6.51 -6.80
CA GLY A 34 -17.08 7.46 -7.89
C GLY A 34 -16.03 8.56 -8.02
N TYR A 35 -14.96 8.46 -7.23
CA TYR A 35 -13.90 9.47 -7.31
C TYR A 35 -12.81 9.16 -8.29
N GLU A 36 -12.01 10.18 -8.62
CA GLU A 36 -10.78 9.97 -9.39
C GLU A 36 -9.59 9.76 -8.46
N ALA A 37 -8.57 9.05 -8.93
CA ALA A 37 -7.37 8.84 -8.08
C ALA A 37 -6.83 10.19 -7.56
N ASP A 38 -6.79 11.21 -8.42
CA ASP A 38 -6.21 12.51 -7.98
C ASP A 38 -7.09 13.29 -7.02
N GLU A 39 -8.31 12.80 -6.78
CA GLU A 39 -9.22 13.37 -5.82
C GLU A 39 -9.10 12.72 -4.46
N VAL A 40 -8.51 11.54 -4.40
CA VAL A 40 -8.47 10.83 -3.13
C VAL A 40 -7.06 10.77 -2.59
N MET A 41 -6.08 10.69 -3.48
CA MET A 41 -4.70 10.63 -3.02
C MET A 41 -4.30 11.91 -2.35
N GLY A 42 -3.60 11.80 -1.24
CA GLY A 42 -3.16 12.93 -0.49
C GLY A 42 -4.14 13.42 0.56
N ARG A 43 -5.30 12.78 0.66
CA ARG A 43 -6.32 13.13 1.66
C ARG A 43 -6.48 12.03 2.69
N ASN A 44 -6.82 12.39 3.91
CA ASN A 44 -7.31 11.45 4.90
C ASN A 44 -8.66 10.92 4.43
N CYS A 45 -8.91 9.64 4.68
N CYS A 45 -8.93 9.64 4.72
CA CYS A 45 -10.09 8.96 4.14
CA CYS A 45 -10.10 8.90 4.23
C CYS A 45 -11.38 9.57 4.64
C CYS A 45 -11.42 9.37 4.82
N ARG A 46 -11.35 10.28 5.78
CA ARG A 46 -12.58 10.85 6.36
C ARG A 46 -13.45 11.66 5.40
N PHE A 47 -12.93 12.09 4.24
CA PHE A 47 -13.74 12.82 3.28
C PHE A 47 -14.94 12.01 2.81
N LEU A 48 -14.88 10.68 2.98
CA LEU A 48 -15.99 9.81 2.63
C LEU A 48 -17.18 9.94 3.59
N GLN A 49 -17.02 10.58 4.75
CA GLN A 49 -18.07 10.63 5.76
C GLN A 49 -19.00 11.81 5.48
N GLY A 50 -20.13 11.86 6.19
CA GLY A 50 -21.09 12.92 5.96
C GLY A 50 -22.07 12.94 7.10
N HIS A 51 -23.24 13.53 6.83
CA HIS A 51 -24.15 13.90 7.92
C HIS A 51 -24.79 12.72 8.58
N GLY A 52 -24.94 11.62 7.83
CA GLY A 52 -25.42 10.38 8.40
C GLY A 52 -24.42 9.46 9.08
N THR A 53 -23.12 9.80 9.01
CA THR A 53 -22.08 8.95 9.61
C THR A 53 -22.17 9.08 11.13
N ASP A 54 -22.24 7.95 11.81
CA ASP A 54 -22.32 7.90 13.28
C ASP A 54 -20.97 8.35 13.87
N PRO A 55 -20.97 9.46 14.63
CA PRO A 55 -19.72 9.82 15.30
C PRO A 55 -19.10 8.69 16.13
N ALA A 56 -19.89 7.72 16.64
CA ALA A 56 -19.34 6.62 17.42
C ALA A 56 -18.45 5.72 16.58
N HIS A 57 -18.84 5.55 15.33
CA HIS A 57 -18.07 4.74 14.40
C HIS A 57 -16.73 5.36 14.12
N VAL A 58 -16.73 6.67 13.95
CA VAL A 58 -15.55 7.45 13.65
C VAL A 58 -14.59 7.38 14.83
N ARG A 59 -15.13 7.60 16.03
CA ARG A 59 -14.28 7.44 17.24
C ARG A 59 -13.70 6.01 17.43
N ALA A 60 -14.46 4.97 17.10
CA ALA A 60 -13.96 3.59 17.22
C ALA A 60 -12.77 3.39 16.27
N ILE A 61 -12.91 3.96 15.05
CA ILE A 61 -11.82 3.85 14.05
C ILE A 61 -10.61 4.60 14.54
N LYS A 62 -10.80 5.85 15.02
CA LYS A 62 -9.71 6.68 15.48
C LYS A 62 -9.00 5.94 16.61
N SER A 63 -9.77 5.32 17.50
CA SER A 63 -9.19 4.55 18.63
C SER A 63 -8.29 3.39 18.19
N ALA A 64 -8.78 2.58 17.26
CA ALA A 64 -8.06 1.41 16.76
C ALA A 64 -6.79 1.85 16.07
N ILE A 65 -6.92 2.88 15.23
CA ILE A 65 -5.77 3.44 14.53
C ILE A 65 -4.72 3.90 15.54
N ALA A 66 -5.17 4.62 16.57
CA ALA A 66 -4.23 5.19 17.55
C ALA A 66 -3.55 4.05 18.31
N ALA A 67 -4.27 2.95 18.52
CA ALA A 67 -3.72 1.74 19.14
C ALA A 67 -2.94 0.83 18.17
N GLU A 68 -2.92 1.18 16.89
CA GLU A 68 -2.29 0.32 15.86
C GLU A 68 -2.87 -1.11 15.93
N LYS A 69 -4.18 -1.19 16.06
CA LYS A 69 -4.90 -2.44 16.03
C LYS A 69 -5.82 -2.41 14.84
N PRO A 70 -6.17 -3.60 14.34
CA PRO A 70 -7.08 -3.67 13.23
C PRO A 70 -8.53 -3.41 13.70
N ILE A 71 -9.39 -3.02 12.76
CA ILE A 71 -10.79 -2.84 13.08
C ILE A 71 -11.64 -3.25 11.89
N ASP A 72 -12.77 -3.90 12.17
CA ASP A 72 -13.77 -4.26 11.15
C ASP A 72 -15.03 -3.55 11.58
N ILE A 73 -15.57 -2.71 10.70
CA ILE A 73 -16.67 -1.82 11.12
C ILE A 73 -17.48 -1.43 9.90
N ASP A 74 -18.80 -1.46 10.05
CA ASP A 74 -19.66 -0.90 9.00
C ASP A 74 -20.01 0.55 9.31
N ILE A 75 -19.78 1.42 8.34
CA ILE A 75 -19.92 2.85 8.52
C ILE A 75 -20.66 3.46 7.31
N ILE A 76 -21.49 4.48 7.55
CA ILE A 76 -22.12 5.21 6.44
C ILE A 76 -21.15 6.17 5.77
N ASN A 77 -21.01 6.02 4.47
CA ASN A 77 -20.11 6.84 3.67
C ASN A 77 -20.89 7.33 2.45
N TYR A 78 -20.22 8.16 1.66
CA TYR A 78 -20.86 8.86 0.56
C TYR A 78 -20.02 8.80 -0.66
N LYS A 79 -20.66 8.46 -1.78
CA LYS A 79 -19.98 8.53 -3.09
C LYS A 79 -19.82 10.00 -3.55
N LYS A 80 -19.00 10.23 -4.57
CA LYS A 80 -18.79 11.60 -5.11
C LYS A 80 -20.11 12.27 -5.49
N SER A 81 -21.06 11.46 -5.96
CA SER A 81 -22.40 11.95 -6.34
C SER A 81 -23.20 12.45 -5.13
N GLY A 82 -22.78 12.05 -3.92
CA GLY A 82 -23.53 12.29 -2.69
C GLY A 82 -24.33 11.08 -2.21
N GLU A 83 -24.33 10.02 -3.00
CA GLU A 83 -25.15 8.85 -2.69
C GLU A 83 -24.61 8.15 -1.45
N ALA A 84 -25.47 7.95 -0.47
CA ALA A 84 -25.09 7.27 0.78
C ALA A 84 -25.00 5.76 0.60
N PHE A 85 -23.98 5.17 1.21
CA PHE A 85 -23.87 3.70 1.19
C PHE A 85 -23.26 3.18 2.47
N TRP A 86 -23.53 1.92 2.78
CA TRP A 86 -22.86 1.29 3.89
C TRP A 86 -21.53 0.68 3.45
N ASN A 87 -20.47 1.15 4.08
CA ASN A 87 -19.14 0.72 3.72
C ASN A 87 -18.64 -0.19 4.85
N ARG A 88 -18.33 -1.44 4.49
CA ARG A 88 -17.76 -2.45 5.40
C ARG A 88 -16.27 -2.27 5.30
N LEU A 89 -15.68 -1.74 6.37
CA LEU A 89 -14.33 -1.28 6.36
C LEU A 89 -13.51 -2.30 7.16
N HIS A 90 -12.39 -2.71 6.60
CA HIS A 90 -11.45 -3.53 7.36
C HIS A 90 -10.16 -2.75 7.30
N ILE A 91 -9.66 -2.29 8.45
CA ILE A 91 -8.41 -1.54 8.49
C ILE A 91 -7.40 -2.35 9.30
N SER A 92 -6.19 -2.45 8.80
CA SER A 92 -5.09 -3.13 9.49
C SER A 92 -3.87 -2.27 9.47
N PRO A 93 -3.13 -2.21 10.59
CA PRO A 93 -1.80 -1.61 10.47
C PRO A 93 -0.90 -2.58 9.70
N VAL A 94 0.13 -2.05 9.07
CA VAL A 94 1.18 -2.88 8.45
C VAL A 94 2.43 -2.52 9.22
N HIS A 95 2.97 -3.51 9.92
CA HIS A 95 4.18 -3.35 10.71
C HIS A 95 5.35 -4.04 9.99
N ASN A 96 6.51 -3.40 9.96
CA ASN A 96 7.73 -4.02 9.42
C ASN A 96 8.13 -5.24 10.25
N ALA A 97 9.02 -6.08 9.71
CA ALA A 97 9.47 -7.23 10.49
C ALA A 97 10.06 -6.73 11.81
N ASN A 98 10.67 -5.54 11.79
CA ASN A 98 11.22 -4.94 13.00
C ASN A 98 10.19 -4.35 14.01
N GLY A 99 8.91 -4.47 13.69
CA GLY A 99 7.83 -4.06 14.57
C GLY A 99 7.34 -2.63 14.38
N ARG A 100 8.05 -1.83 13.57
CA ARG A 100 7.73 -0.41 13.45
C ARG A 100 6.58 -0.27 12.43
N LEU A 101 5.69 0.69 12.67
CA LEU A 101 4.48 0.89 11.87
C LEU A 101 4.94 1.50 10.56
N GLN A 102 4.49 0.95 9.44
CA GLN A 102 4.94 1.45 8.15
C GLN A 102 3.78 2.07 7.36
N HIS A 103 2.66 1.38 7.34
CA HIS A 103 1.47 1.79 6.57
C HIS A 103 0.24 1.42 7.33
N PHE A 104 -0.90 1.96 6.91
CA PHE A 104 -2.16 1.25 7.14
C PHE A 104 -2.72 0.79 5.80
N VAL A 105 -3.44 -0.32 5.81
CA VAL A 105 -4.11 -0.82 4.62
C VAL A 105 -5.56 -1.13 4.97
N SER A 106 -6.44 -1.00 3.97
CA SER A 106 -7.86 -1.33 4.19
C SER A 106 -8.44 -2.13 3.05
N SER A 107 -9.53 -2.84 3.36
CA SER A 107 -10.53 -3.32 2.38
C SER A 107 -11.80 -2.52 2.60
N GLN A 108 -12.56 -2.31 1.51
CA GLN A 108 -13.84 -1.61 1.59
C GLN A 108 -14.79 -2.42 0.73
N LEU A 109 -16.06 -2.36 1.09
CA LEU A 109 -17.05 -3.05 0.32
C LEU A 109 -18.41 -2.42 0.56
N ASP A 110 -19.17 -2.21 -0.51
CA ASP A 110 -20.53 -1.72 -0.38
C ASP A 110 -21.43 -2.84 0.10
N VAL A 111 -21.91 -2.73 1.33
CA VAL A 111 -22.78 -3.77 1.92
C VAL A 111 -24.22 -3.26 2.14
N THR A 112 -24.59 -2.18 1.44
CA THR A 112 -25.90 -1.58 1.58
C THR A 112 -26.98 -2.66 1.45
N LEU A 113 -26.88 -3.50 0.42
CA LEU A 113 -27.94 -4.48 0.13
C LEU A 113 -28.12 -5.50 1.26
N GLU A 114 -27.06 -5.74 2.03
CA GLU A 114 -27.11 -6.64 3.19
C GLU A 114 -27.77 -5.97 4.40
N LEU A 115 -27.48 -4.71 4.62
CA LEU A 115 -27.98 -4.03 5.80
C LEU A 115 -29.33 -3.31 5.62
N VAL A 116 -29.74 -3.10 4.37
CA VAL A 116 -31.00 -2.41 4.04
C VAL A 116 -31.85 -3.29 3.11
N THR B 6 6.77 12.46 -2.75
CA THR B 6 8.07 12.37 -3.46
C THR B 6 9.18 12.07 -2.46
N LEU B 7 8.80 11.86 -1.20
CA LEU B 7 9.82 11.66 -0.19
C LEU B 7 10.09 10.21 0.13
N MET B 8 9.02 9.43 0.25
CA MET B 8 9.19 8.07 0.74
C MET B 8 8.88 7.03 -0.35
N PRO B 9 9.95 6.52 -0.99
CA PRO B 9 9.76 5.51 -2.06
C PRO B 9 8.84 4.38 -1.65
N MET B 10 7.96 4.02 -2.56
CA MET B 10 6.98 2.94 -2.27
C MET B 10 6.67 2.20 -3.55
N LEU B 11 6.64 0.87 -3.44
CA LEU B 11 6.16 -0.03 -4.48
C LEU B 11 4.98 -0.89 -4.03
N ILE B 12 4.14 -1.28 -4.99
CA ILE B 12 3.19 -2.36 -4.76
C ILE B 12 3.46 -3.36 -5.87
N THR B 13 3.51 -4.64 -5.53
CA THR B 13 3.59 -5.68 -6.56
C THR B 13 2.35 -6.59 -6.52
N ASN B 14 2.13 -7.33 -7.58
CA ASN B 14 1.01 -8.29 -7.59
C ASN B 14 1.56 -9.72 -7.72
N PRO B 15 1.56 -10.47 -6.60
CA PRO B 15 2.17 -11.81 -6.58
C PRO B 15 1.30 -12.81 -7.33
N HIS B 16 0.11 -12.41 -7.71
CA HIS B 16 -0.72 -13.31 -8.52
C HIS B 16 -0.55 -13.16 -10.00
N LEU B 17 0.27 -12.19 -10.42
CA LEU B 17 0.64 -12.11 -11.83
C LEU B 17 2.01 -12.78 -12.00
N PRO B 18 2.32 -13.18 -13.23
CA PRO B 18 3.56 -13.93 -13.37
C PRO B 18 4.74 -13.10 -12.93
N ASP B 19 5.56 -13.71 -12.08
CA ASP B 19 6.83 -13.16 -11.57
C ASP B 19 6.63 -11.89 -10.73
N ASN B 20 5.44 -11.74 -10.13
CA ASN B 20 5.23 -10.69 -9.08
C ASN B 20 5.70 -9.30 -9.55
N PRO B 21 5.10 -8.77 -10.63
CA PRO B 21 5.55 -7.51 -11.17
C PRO B 21 5.09 -6.32 -10.33
N ILE B 22 5.87 -5.24 -10.47
CA ILE B 22 5.46 -3.90 -9.96
C ILE B 22 4.18 -3.44 -10.68
N VAL B 23 3.15 -3.15 -9.86
CA VAL B 23 1.87 -2.60 -10.36
C VAL B 23 1.67 -1.15 -9.92
N PHE B 24 2.52 -0.68 -8.99
CA PHE B 24 2.49 0.75 -8.59
C PHE B 24 3.85 1.16 -8.12
N ALA B 25 4.29 2.35 -8.55
CA ALA B 25 5.53 2.97 -8.05
C ALA B 25 5.27 4.46 -7.90
N ASN B 26 5.57 5.01 -6.74
CA ASN B 26 5.30 6.43 -6.52
C ASN B 26 6.44 7.26 -7.08
N PRO B 27 6.22 8.58 -7.24
CA PRO B 27 7.29 9.37 -7.81
C PRO B 27 8.57 9.32 -7.00
N ALA B 28 8.48 9.12 -5.67
CA ALA B 28 9.66 9.03 -4.79
C ALA B 28 10.56 7.87 -5.23
N PHE B 29 9.93 6.77 -5.66
CA PHE B 29 10.68 5.63 -6.10
C PHE B 29 11.41 5.92 -7.39
N LEU B 30 10.75 6.65 -8.29
CA LEU B 30 11.38 7.03 -9.56
C LEU B 30 12.60 7.91 -9.28
N LYS B 31 12.47 8.82 -8.33
CA LYS B 31 13.62 9.67 -7.92
C LYS B 31 14.77 8.87 -7.30
N LEU B 32 14.42 7.92 -6.43
CA LEU B 32 15.37 7.06 -5.73
C LEU B 32 16.26 6.34 -6.73
N THR B 33 15.64 5.80 -7.78
CA THR B 33 16.32 4.90 -8.70
C THR B 33 16.80 5.53 -10.01
N GLY B 34 16.32 6.74 -10.33
CA GLY B 34 16.65 7.38 -11.60
C GLY B 34 15.87 6.93 -12.83
N TYR B 35 15.00 5.94 -12.63
CA TYR B 35 14.21 5.42 -13.74
C TYR B 35 12.93 6.21 -13.94
N GLU B 36 12.42 6.18 -15.17
CA GLU B 36 11.08 6.69 -15.45
C GLU B 36 10.08 5.57 -15.30
N ALA B 37 8.80 5.93 -15.10
CA ALA B 37 7.79 4.94 -14.76
C ALA B 37 7.65 3.84 -15.80
N ASP B 38 7.81 4.21 -17.06
CA ASP B 38 7.64 3.25 -18.13
C ASP B 38 8.75 2.18 -18.11
N GLU B 39 9.83 2.47 -17.41
CA GLU B 39 10.98 1.58 -17.32
C GLU B 39 10.92 0.77 -16.05
N VAL B 40 9.88 0.97 -15.22
CA VAL B 40 9.74 0.22 -13.96
C VAL B 40 8.46 -0.59 -13.90
N MET B 41 7.37 -0.04 -14.41
CA MET B 41 6.08 -0.71 -14.21
C MET B 41 6.12 -2.02 -14.99
N GLY B 42 5.47 -3.03 -14.43
CA GLY B 42 5.37 -4.33 -15.06
C GLY B 42 6.59 -5.22 -14.95
N ARG B 43 7.62 -4.79 -14.24
CA ARG B 43 8.84 -5.60 -14.08
C ARG B 43 8.96 -6.15 -12.66
N ASN B 44 9.72 -7.25 -12.55
CA ASN B 44 10.12 -7.73 -11.26
C ASN B 44 11.23 -6.78 -10.76
N CYS B 45 11.14 -6.41 -9.48
N CYS B 45 11.13 -6.41 -9.48
CA CYS B 45 12.06 -5.43 -8.91
CA CYS B 45 12.05 -5.47 -8.83
C CYS B 45 13.53 -5.88 -8.84
C CYS B 45 13.54 -5.85 -8.94
N ARG B 46 13.81 -7.13 -9.21
CA ARG B 46 15.21 -7.61 -9.30
C ARG B 46 16.05 -6.87 -10.34
N PHE B 47 15.42 -6.15 -11.27
CA PHE B 47 16.17 -5.37 -12.27
C PHE B 47 17.12 -4.34 -11.62
N LEU B 48 16.85 -3.93 -10.38
CA LEU B 48 17.71 -2.95 -9.71
C LEU B 48 19.03 -3.57 -9.19
N GLN B 49 19.14 -4.88 -9.18
CA GLN B 49 20.35 -5.56 -8.67
C GLN B 49 21.42 -5.59 -9.73
N GLY B 50 22.63 -5.91 -9.30
CA GLY B 50 23.77 -5.85 -10.21
C GLY B 50 24.95 -6.62 -9.65
N HIS B 51 26.13 -6.41 -10.25
CA HIS B 51 27.36 -7.15 -9.90
C HIS B 51 27.71 -7.09 -8.40
N GLY B 52 27.49 -5.97 -7.74
CA GLY B 52 27.81 -5.84 -6.31
C GLY B 52 26.76 -6.41 -5.36
N THR B 53 25.61 -6.81 -5.89
CA THR B 53 24.55 -7.34 -5.06
C THR B 53 24.87 -8.69 -4.46
N ASP B 54 24.72 -8.80 -3.14
CA ASP B 54 24.98 -10.05 -2.43
C ASP B 54 23.87 -11.04 -2.68
N PRO B 55 24.20 -12.20 -3.29
CA PRO B 55 23.17 -13.20 -3.53
C PRO B 55 22.49 -13.69 -2.26
N ALA B 56 23.16 -13.59 -1.11
CA ALA B 56 22.56 -14.00 0.16
C ALA B 56 21.42 -13.06 0.54
N HIS B 57 21.54 -11.77 0.21
CA HIS B 57 20.42 -10.83 0.46
C HIS B 57 19.24 -11.17 -0.43
N VAL B 58 19.54 -11.47 -1.69
CA VAL B 58 18.51 -11.86 -2.65
C VAL B 58 17.75 -13.09 -2.16
N ARG B 59 18.50 -14.13 -1.73
CA ARG B 59 17.85 -15.32 -1.18
C ARG B 59 16.97 -15.04 0.02
N ALA B 60 17.42 -14.15 0.91
CA ALA B 60 16.66 -13.76 2.09
C ALA B 60 15.31 -13.14 1.70
N ILE B 61 15.36 -12.26 0.70
CA ILE B 61 14.14 -11.55 0.22
C ILE B 61 13.21 -12.59 -0.39
N LYS B 62 13.75 -13.43 -1.28
CA LYS B 62 12.98 -14.51 -1.90
C LYS B 62 12.26 -15.40 -0.86
N SER B 63 13.00 -15.78 0.18
CA SER B 63 12.47 -16.59 1.27
C SER B 63 11.32 -15.92 2.04
N ALA B 64 11.46 -14.62 2.28
CA ALA B 64 10.45 -13.91 3.06
C ALA B 64 9.17 -13.76 2.24
N ILE B 65 9.33 -13.38 0.98
CA ILE B 65 8.19 -13.28 0.07
C ILE B 65 7.44 -14.63 -0.05
N ALA B 66 8.18 -15.74 -0.21
CA ALA B 66 7.53 -17.05 -0.36
C ALA B 66 6.71 -17.43 0.89
N ALA B 67 7.27 -17.08 2.06
CA ALA B 67 6.64 -17.33 3.36
C ALA B 67 5.55 -16.35 3.70
N GLU B 68 5.35 -15.32 2.85
CA GLU B 68 4.39 -14.24 3.12
C GLU B 68 4.66 -13.54 4.45
N LYS B 69 5.92 -13.23 4.68
CA LYS B 69 6.32 -12.62 5.92
C LYS B 69 7.16 -11.40 5.64
N PRO B 70 7.09 -10.38 6.50
CA PRO B 70 7.83 -9.18 6.21
C PRO B 70 9.34 -9.35 6.36
N ILE B 71 10.06 -8.51 5.65
CA ILE B 71 11.51 -8.47 5.77
C ILE B 71 12.02 -7.04 5.70
N ASP B 72 12.95 -6.68 6.59
CA ASP B 72 13.74 -5.46 6.48
C ASP B 72 15.17 -5.84 6.16
N ILE B 73 15.69 -5.29 5.06
CA ILE B 73 17.02 -5.67 4.61
C ILE B 73 17.65 -4.55 3.77
N ASP B 74 18.95 -4.31 3.97
CA ASP B 74 19.70 -3.35 3.17
C ASP B 74 20.41 -4.13 2.07
N ILE B 75 20.22 -3.70 0.81
CA ILE B 75 20.76 -4.41 -0.35
C ILE B 75 21.44 -3.43 -1.32
N ILE B 76 22.55 -3.85 -1.92
CA ILE B 76 23.15 -3.03 -2.97
C ILE B 76 22.31 -3.10 -4.24
N ASN B 77 21.85 -1.93 -4.69
CA ASN B 77 21.14 -1.80 -5.95
C ASN B 77 21.82 -0.74 -6.82
N TYR B 78 21.31 -0.56 -8.04
CA TYR B 78 21.92 0.35 -9.00
C TYR B 78 20.89 1.31 -9.57
N LYS B 79 21.25 2.58 -9.62
CA LYS B 79 20.42 3.60 -10.29
C LYS B 79 20.52 3.47 -11.80
N LYS B 80 19.65 4.15 -12.55
CA LYS B 80 19.65 4.02 -14.01
C LYS B 80 21.05 4.46 -14.57
N SER B 81 21.64 5.43 -13.90
CA SER B 81 22.99 5.95 -14.25
C SER B 81 24.08 4.89 -14.18
N GLY B 82 23.86 3.87 -13.36
CA GLY B 82 24.93 2.96 -13.02
C GLY B 82 25.45 3.10 -11.60
N GLU B 83 25.11 4.19 -10.92
CA GLU B 83 25.52 4.40 -9.52
C GLU B 83 24.99 3.33 -8.57
N ALA B 84 25.89 2.65 -7.85
CA ALA B 84 25.48 1.76 -6.75
C ALA B 84 25.04 2.53 -5.53
N PHE B 85 24.06 1.98 -4.82
CA PHE B 85 23.58 2.58 -3.59
C PHE B 85 23.03 1.51 -2.68
N TRP B 86 23.03 1.78 -1.37
CA TRP B 86 22.35 0.88 -0.44
C TRP B 86 20.89 1.25 -0.37
N ASN B 87 20.07 0.26 -0.71
CA ASN B 87 18.61 0.37 -0.67
C ASN B 87 18.08 -0.36 0.55
N ARG B 88 17.54 0.38 1.51
CA ARG B 88 16.87 -0.20 2.65
C ARG B 88 15.44 -0.58 2.24
N LEU B 89 15.16 -1.88 2.24
CA LEU B 89 13.85 -2.37 1.84
C LEU B 89 13.04 -2.75 3.02
N HIS B 90 11.80 -2.25 3.10
CA HIS B 90 10.87 -2.81 4.07
C HIS B 90 9.72 -3.44 3.29
N ILE B 91 9.71 -4.75 3.15
CA ILE B 91 8.70 -5.44 2.36
C ILE B 91 7.71 -6.11 3.27
N SER B 92 6.42 -5.91 3.00
CA SER B 92 5.37 -6.50 3.80
C SER B 92 4.28 -7.09 2.89
N PRO B 93 3.68 -8.24 3.28
CA PRO B 93 2.52 -8.72 2.52
C PRO B 93 1.26 -7.98 2.92
N VAL B 94 0.29 -7.96 2.03
CA VAL B 94 -1.03 -7.38 2.28
C VAL B 94 -2.00 -8.52 2.06
N HIS B 95 -2.82 -8.82 3.07
CA HIS B 95 -3.81 -9.88 2.95
C HIS B 95 -5.20 -9.31 3.00
N ASN B 96 -6.17 -10.05 2.46
CA ASN B 96 -7.57 -9.69 2.69
C ASN B 96 -8.09 -10.20 4.03
N ALA B 97 -9.38 -9.96 4.29
CA ALA B 97 -10.05 -10.38 5.52
C ALA B 97 -10.13 -11.90 5.70
N ASN B 98 -9.99 -12.65 4.62
CA ASN B 98 -9.91 -14.10 4.68
C ASN B 98 -8.49 -14.63 4.91
N GLY B 99 -7.51 -13.71 4.97
CA GLY B 99 -6.11 -14.09 5.14
C GLY B 99 -5.43 -14.46 3.84
N ARG B 100 -6.13 -14.30 2.73
CA ARG B 100 -5.60 -14.53 1.38
C ARG B 100 -4.69 -13.35 1.00
N LEU B 101 -3.47 -13.68 0.55
CA LEU B 101 -2.54 -12.70 -0.02
C LEU B 101 -3.12 -11.94 -1.20
N GLN B 102 -2.96 -10.62 -1.20
CA GLN B 102 -3.42 -9.79 -2.32
C GLN B 102 -2.24 -9.13 -3.03
N HIS B 103 -1.34 -8.57 -2.23
CA HIS B 103 -0.24 -7.74 -2.76
C HIS B 103 1.01 -7.82 -1.85
N PHE B 104 2.14 -7.36 -2.35
CA PHE B 104 3.21 -6.97 -1.47
C PHE B 104 3.42 -5.49 -1.61
N VAL B 105 3.78 -4.86 -0.50
CA VAL B 105 4.05 -3.41 -0.50
C VAL B 105 5.41 -3.19 0.09
N SER B 106 6.15 -2.22 -0.44
CA SER B 106 7.41 -1.86 0.19
C SER B 106 7.48 -0.38 0.48
N SER B 107 8.32 -0.05 1.45
CA SER B 107 8.77 1.31 1.71
C SER B 107 10.28 1.21 1.68
N GLN B 108 10.92 2.07 0.91
CA GLN B 108 12.34 1.97 0.66
C GLN B 108 13.07 3.30 0.87
N LEU B 109 14.38 3.20 1.08
CA LEU B 109 15.14 4.42 1.35
C LEU B 109 16.61 4.23 0.98
N ASP B 110 17.23 5.27 0.42
CA ASP B 110 18.67 5.25 0.18
C ASP B 110 19.38 5.44 1.50
N VAL B 111 20.09 4.41 1.96
CA VAL B 111 20.80 4.50 3.23
C VAL B 111 22.31 4.44 3.03
N THR B 112 22.76 4.81 1.83
CA THR B 112 24.19 4.78 1.50
C THR B 112 25.01 5.61 2.52
N LEU B 113 24.42 6.74 2.91
CA LEU B 113 24.88 7.65 3.97
C LEU B 113 25.87 8.66 3.42
#